data_3T2D
#
_entry.id   3T2D
#
_cell.length_a   112.291
_cell.length_b   112.291
_cell.length_c   151.348
_cell.angle_alpha   90.00
_cell.angle_beta   90.00
_cell.angle_gamma   90.00
#
_symmetry.space_group_name_H-M   'I 4 2 2'
#
loop_
_entity.id
_entity.type
_entity.pdbx_description
1 polymer 'Fructose-1,6-bisphosphate aldolase/phosphatase'
2 non-polymer 'MAGNESIUM ION'
3 non-polymer 1,6-di-O-phosphono-D-fructose
4 water water
#
_entity_poly.entity_id   1
_entity_poly.type   'polypeptide(L)'
_entity_poly.pdbx_seq_one_letter_code
;MRVTVSIIKADVGGFPGHAHVHPKMLEYAAAKLKEAQKRGVIIDYFVYNVGDDISLLMTHTKGEDNKDIHGLAWETFKEV
TDQIAKRFKLYGAGQDLLKDAFSGNIRGMGPQVAEMEFEERPSEPIIAFAADKTEPGAFNLPLYKMFADPFTTAGLVIDP
SMHEGFIFEVLDVVEHKVYLLKTPEDAYSLLGLIGTTGRYIIRKVFRRADGAPAAANSVERLSLIAGRYVGKDDPVLLVR
AQSGLPAVGEVLEAFAHPHLVHGWMRGSHAGPLMPARFISVDPERRIAIGPKMTRFDGPPKVGALGFQLHEGYLEGGVDL
FDDPAFDYVRQTAAQIADYIRRMGPFQPHRLPPEEMEYTALPKILAKVKPYPADQYEKDRKKYIEAVVKGAKVEESQHDL
EHHHHHH
;
_entity_poly.pdbx_strand_id   A
#
# COMPACT_ATOMS: atom_id res chain seq x y z
N MET A 1 -23.28 -14.57 -11.04
CA MET A 1 -22.03 -14.87 -11.75
C MET A 1 -20.92 -14.55 -10.81
N ARG A 2 -19.86 -15.31 -10.95
CA ARG A 2 -18.65 -15.09 -10.19
C ARG A 2 -17.76 -14.18 -10.97
N VAL A 3 -17.16 -13.28 -10.24
CA VAL A 3 -16.27 -12.28 -10.80
CA VAL A 3 -16.25 -12.31 -10.81
C VAL A 3 -14.96 -12.25 -9.97
N THR A 4 -13.89 -11.90 -10.65
CA THR A 4 -12.64 -11.60 -9.96
C THR A 4 -12.35 -10.11 -10.20
N VAL A 5 -11.95 -9.49 -9.05
CA VAL A 5 -11.47 -8.12 -9.10
C VAL A 5 -9.99 -8.16 -8.75
N SER A 6 -9.14 -7.63 -9.61
CA SER A 6 -7.70 -7.67 -9.44
C SER A 6 -7.18 -6.25 -9.53
N ILE A 7 -6.39 -5.82 -8.55
CA ILE A 7 -5.55 -4.63 -8.68
C ILE A 7 -4.11 -5.08 -8.82
N ILE A 8 -3.47 -4.73 -9.92
CA ILE A 8 -2.06 -5.05 -10.09
C ILE A 8 -1.37 -3.70 -10.31
N LYS A 9 -0.41 -3.45 -9.40
CA LYS A 9 0.21 -2.14 -9.27
CA LYS A 9 0.23 -2.14 -9.23
C LYS A 9 1.70 -2.18 -9.42
N ALA A 10 2.29 -1.15 -9.98
CA ALA A 10 3.74 -1.04 -10.11
C ALA A 10 4.10 0.42 -10.29
N ASP A 11 5.33 0.70 -9.91
CA ASP A 11 6.00 1.98 -10.26
C ASP A 11 6.97 1.68 -11.40
N VAL A 12 6.78 2.30 -12.52
CA VAL A 12 7.67 2.20 -13.67
C VAL A 12 8.21 3.53 -14.10
N GLY A 13 8.25 4.48 -13.18
CA GLY A 13 8.85 5.77 -13.43
C GLY A 13 8.10 6.92 -12.82
N GLY A 14 8.87 7.90 -12.37
CA GLY A 14 8.28 9.07 -11.72
C GLY A 14 8.57 10.36 -12.43
N PHE A 15 7.81 11.38 -12.05
CA PHE A 15 7.71 12.59 -12.81
C PHE A 15 7.37 13.81 -11.90
N PRO A 16 8.36 14.50 -11.37
CA PRO A 16 9.78 14.19 -11.34
C PRO A 16 10.14 13.32 -10.15
N GLY A 17 11.32 12.70 -10.19
CA GLY A 17 11.79 11.89 -9.04
C GLY A 17 10.78 10.81 -8.76
N HIS A 18 10.43 10.65 -7.47
CA HIS A 18 9.46 9.70 -7.02
C HIS A 18 8.12 10.41 -6.65
N ALA A 19 7.89 11.59 -7.16
CA ALA A 19 6.76 12.41 -6.69
C ALA A 19 5.42 12.11 -7.28
N HIS A 20 5.37 11.57 -8.50
CA HIS A 20 4.14 11.52 -9.26
C HIS A 20 4.43 10.66 -10.50
N VAL A 21 3.41 10.49 -11.31
CA VAL A 21 3.57 9.79 -12.61
C VAL A 21 3.30 10.79 -13.73
N HIS A 22 3.79 10.46 -14.92
CA HIS A 22 3.51 11.22 -16.13
C HIS A 22 2.12 10.84 -16.65
N PRO A 23 1.27 11.79 -17.03
CA PRO A 23 -0.10 11.41 -17.43
C PRO A 23 -0.13 10.50 -18.69
N LYS A 24 0.87 10.60 -19.54
CA LYS A 24 0.87 9.70 -20.70
C LYS A 24 1.04 8.26 -20.27
N MET A 25 1.61 7.96 -19.08
CA MET A 25 1.71 6.60 -18.63
C MET A 25 0.35 6.05 -18.37
N LEU A 26 -0.54 6.82 -17.73
CA LEU A 26 -1.88 6.41 -17.46
C LEU A 26 -2.66 6.23 -18.77
N GLU A 27 -2.49 7.17 -19.67
CA GLU A 27 -3.20 7.12 -20.95
C GLU A 27 -2.81 5.88 -21.74
N TYR A 28 -1.52 5.53 -21.73
CA TYR A 28 -1.00 4.35 -22.45
C TYR A 28 -1.59 3.12 -21.82
N ALA A 29 -1.56 3.02 -20.51
CA ALA A 29 -2.08 1.85 -19.82
C ALA A 29 -3.55 1.68 -20.10
N ALA A 30 -4.35 2.73 -20.04
CA ALA A 30 -5.78 2.67 -20.27
C ALA A 30 -6.07 2.17 -21.71
N ALA A 31 -5.30 2.65 -22.68
CA ALA A 31 -5.46 2.25 -24.06
C ALA A 31 -5.14 0.78 -24.24
N LYS A 32 -4.14 0.28 -23.56
CA LYS A 32 -3.74 -1.12 -23.63
C LYS A 32 -4.83 -2.00 -23.00
N LEU A 33 -5.39 -1.62 -21.85
CA LEU A 33 -6.44 -2.36 -21.23
C LEU A 33 -7.74 -2.30 -22.05
N LYS A 34 -7.99 -1.21 -22.73
CA LYS A 34 -9.14 -1.13 -23.63
C LYS A 34 -9.03 -2.17 -24.77
N GLU A 35 -7.82 -2.36 -25.25
CA GLU A 35 -7.58 -3.39 -26.28
C GLU A 35 -7.83 -4.77 -25.69
N ALA A 36 -7.35 -5.04 -24.47
CA ALA A 36 -7.59 -6.32 -23.82
C ALA A 36 -9.05 -6.56 -23.59
N GLN A 37 -9.79 -5.53 -23.23
CA GLN A 37 -11.24 -5.60 -23.05
C GLN A 37 -11.92 -5.99 -24.40
N LYS A 38 -11.50 -5.33 -25.46
CA LYS A 38 -12.11 -5.62 -26.79
C LYS A 38 -11.87 -7.09 -27.18
N ARG A 39 -10.71 -7.63 -26.84
CA ARG A 39 -10.40 -9.03 -27.08
C ARG A 39 -11.00 -10.03 -26.12
N GLY A 40 -11.67 -9.56 -25.09
CA GLY A 40 -12.27 -10.43 -24.09
C GLY A 40 -11.37 -10.97 -23.00
N VAL A 41 -10.16 -10.43 -22.85
CA VAL A 41 -9.25 -10.86 -21.81
C VAL A 41 -9.81 -10.45 -20.43
N ILE A 42 -10.33 -9.21 -20.38
CA ILE A 42 -10.92 -8.63 -19.18
C ILE A 42 -12.28 -8.11 -19.47
N ILE A 43 -13.13 -7.92 -18.50
CA ILE A 43 -14.41 -7.29 -18.60
C ILE A 43 -14.31 -5.81 -18.60
N ASP A 44 -13.58 -5.24 -17.60
CA ASP A 44 -13.52 -3.80 -17.41
C ASP A 44 -12.27 -3.46 -16.62
N TYR A 45 -12.07 -2.14 -16.50
CA TYR A 45 -10.78 -1.69 -15.89
C TYR A 45 -10.91 -0.25 -15.46
N PHE A 46 -9.97 0.15 -14.61
CA PHE A 46 -9.76 1.54 -14.23
C PHE A 46 -8.27 1.71 -13.91
N VAL A 47 -7.72 2.82 -14.35
CA VAL A 47 -6.29 3.09 -14.23
C VAL A 47 -6.09 4.38 -13.43
N TYR A 48 -5.21 4.32 -12.46
CA TYR A 48 -5.01 5.48 -11.57
C TYR A 48 -3.68 5.38 -10.85
N ASN A 49 -3.19 6.52 -10.38
CA ASN A 49 -1.99 6.54 -9.59
C ASN A 49 -2.24 7.18 -8.23
N VAL A 50 -1.41 6.85 -7.28
CA VAL A 50 -1.19 7.63 -6.04
C VAL A 50 0.30 7.80 -5.98
N GLY A 51 0.79 9.05 -5.96
CA GLY A 51 2.22 9.26 -6.02
C GLY A 51 2.80 8.64 -7.30
N ASP A 52 3.90 7.92 -7.16
CA ASP A 52 4.59 7.31 -8.29
C ASP A 52 4.10 5.89 -8.60
N ASP A 53 3.00 5.45 -8.07
CA ASP A 53 2.49 4.09 -8.24
C ASP A 53 1.28 4.04 -9.09
N ILE A 54 1.31 3.22 -10.16
CA ILE A 54 0.15 3.04 -11.05
C ILE A 54 -0.57 1.74 -10.71
N SER A 55 -1.83 1.85 -10.39
CA SER A 55 -2.74 0.75 -10.19
C SER A 55 -3.52 0.48 -11.45
N LEU A 56 -3.51 -0.81 -11.84
CA LEU A 56 -4.40 -1.31 -12.92
C LEU A 56 -5.47 -2.13 -12.22
N LEU A 57 -6.65 -1.61 -12.09
CA LEU A 57 -7.78 -2.29 -11.54
C LEU A 57 -8.47 -2.99 -12.71
N MET A 58 -8.67 -4.30 -12.63
CA MET A 58 -9.26 -5.07 -13.74
C MET A 58 -10.32 -6.04 -13.17
N THR A 59 -11.45 -6.16 -13.85
CA THR A 59 -12.41 -7.14 -13.57
C THR A 59 -12.44 -8.20 -14.70
N HIS A 60 -12.66 -9.43 -14.29
CA HIS A 60 -12.53 -10.52 -15.26
C HIS A 60 -13.13 -11.75 -14.58
N THR A 61 -13.10 -12.86 -15.36
CA THR A 61 -13.62 -14.10 -14.85
C THR A 61 -12.59 -15.23 -14.89
N LYS A 62 -11.32 -14.91 -14.80
CA LYS A 62 -10.24 -15.87 -14.89
C LYS A 62 -9.73 -16.37 -13.54
N GLY A 63 -10.30 -15.89 -12.44
CA GLY A 63 -9.91 -16.33 -11.10
C GLY A 63 -8.62 -15.64 -10.62
N GLU A 64 -8.34 -15.95 -9.35
CA GLU A 64 -7.13 -15.39 -8.70
C GLU A 64 -5.87 -16.07 -9.25
N ASP A 65 -4.74 -15.38 -9.17
CA ASP A 65 -3.46 -15.95 -9.51
C ASP A 65 -3.49 -16.45 -10.93
N ASN A 66 -4.12 -15.72 -11.84
CA ASN A 66 -4.20 -16.13 -13.21
C ASN A 66 -3.04 -15.56 -14.05
N LYS A 67 -2.37 -16.44 -14.76
CA LYS A 67 -1.26 -16.07 -15.52
C LYS A 67 -1.53 -15.07 -16.63
N ASP A 68 -2.72 -15.16 -17.25
N ASP A 68 -2.70 -15.13 -17.26
CA ASP A 68 -3.10 -14.26 -18.33
CA ASP A 68 -2.97 -14.20 -18.31
C ASP A 68 -3.29 -12.82 -17.79
C ASP A 68 -3.31 -12.80 -17.79
N ILE A 69 -3.98 -12.72 -16.67
CA ILE A 69 -4.24 -11.41 -16.08
C ILE A 69 -2.94 -10.82 -15.52
N HIS A 70 -2.19 -11.60 -14.77
CA HIS A 70 -0.91 -11.12 -14.25
C HIS A 70 0.03 -10.75 -15.40
N GLY A 71 0.03 -11.53 -16.46
CA GLY A 71 0.84 -11.27 -17.64
C GLY A 71 0.41 -10.06 -18.42
N LEU A 72 -0.89 -9.79 -18.52
CA LEU A 72 -1.43 -8.58 -19.13
C LEU A 72 -0.88 -7.33 -18.37
N ALA A 73 -0.94 -7.42 -17.06
CA ALA A 73 -0.42 -6.30 -16.27
C ALA A 73 1.05 -6.11 -16.47
N TRP A 74 1.81 -7.20 -16.41
CA TRP A 74 3.27 -7.11 -16.58
CA TRP A 74 3.25 -7.10 -16.56
C TRP A 74 3.57 -6.50 -17.92
N GLU A 75 2.93 -6.98 -18.98
CA GLU A 75 3.18 -6.48 -20.29
C GLU A 75 2.83 -4.99 -20.43
N THR A 76 1.73 -4.57 -19.79
CA THR A 76 1.35 -3.18 -19.77
C THR A 76 2.38 -2.35 -19.10
N PHE A 77 2.90 -2.79 -17.96
CA PHE A 77 3.95 -2.04 -17.28
C PHE A 77 5.26 -2.02 -18.10
N LYS A 78 5.57 -3.11 -18.76
CA LYS A 78 6.83 -3.17 -19.58
C LYS A 78 6.65 -2.24 -20.75
N GLU A 79 5.50 -2.20 -21.38
CA GLU A 79 5.31 -1.28 -22.50
C GLU A 79 5.27 0.18 -22.06
N VAL A 80 4.65 0.48 -20.89
CA VAL A 80 4.76 1.82 -20.40
C VAL A 80 6.21 2.20 -20.16
N THR A 81 6.98 1.32 -19.59
CA THR A 81 8.38 1.51 -19.38
C THR A 81 9.11 1.90 -20.67
N ASP A 82 8.93 1.06 -21.68
CA ASP A 82 9.69 1.23 -22.91
C ASP A 82 9.18 2.34 -23.80
N GLN A 83 7.90 2.58 -23.87
CA GLN A 83 7.33 3.55 -24.74
C GLN A 83 7.22 4.96 -24.14
N ILE A 84 7.07 5.05 -22.82
CA ILE A 84 6.86 6.30 -22.17
C ILE A 84 8.01 6.63 -21.22
N ALA A 85 8.26 5.81 -20.24
CA ALA A 85 9.20 6.19 -19.19
C ALA A 85 10.60 6.33 -19.75
N LYS A 86 11.03 5.42 -20.60
CA LYS A 86 12.42 5.44 -21.13
C LYS A 86 12.49 6.55 -22.14
N ARG A 87 11.41 6.85 -22.86
CA ARG A 87 11.41 7.88 -23.84
C ARG A 87 11.66 9.25 -23.19
N PHE A 88 11.02 9.49 -22.04
CA PHE A 88 11.12 10.80 -21.38
C PHE A 88 12.18 10.72 -20.29
N LYS A 89 12.92 9.64 -20.18
CA LYS A 89 13.92 9.42 -19.16
C LYS A 89 13.41 9.73 -17.76
N LEU A 90 12.23 9.16 -17.47
CA LEU A 90 11.61 9.35 -16.18
C LEU A 90 12.44 8.73 -15.12
N TYR A 91 12.21 9.18 -13.87
CA TYR A 91 13.07 8.80 -12.79
C TYR A 91 12.72 7.42 -12.27
N GLY A 92 13.69 6.52 -12.19
CA GLY A 92 13.35 5.16 -11.87
C GLY A 92 12.52 4.51 -12.98
N ALA A 93 12.79 4.82 -14.24
CA ALA A 93 12.07 4.16 -15.38
C ALA A 93 12.18 2.67 -15.23
N GLY A 94 11.01 2.02 -15.24
CA GLY A 94 10.95 0.59 -15.06
C GLY A 94 11.26 0.10 -13.67
N GLN A 95 11.15 1.00 -12.66
CA GLN A 95 11.60 0.76 -11.26
C GLN A 95 11.28 -0.64 -10.73
N ASP A 96 10.02 -1.05 -10.72
CA ASP A 96 9.65 -2.29 -10.09
C ASP A 96 9.88 -3.51 -11.00
N LEU A 97 10.18 -3.31 -12.27
CA LEU A 97 10.41 -4.41 -13.22
C LEU A 97 11.91 -4.67 -13.48
N LEU A 98 12.75 -3.64 -13.36
CA LEU A 98 14.16 -3.67 -13.78
C LEU A 98 15.09 -3.51 -12.59
N LYS A 99 15.92 -4.51 -12.24
CA LYS A 99 16.86 -4.39 -11.12
C LYS A 99 17.86 -3.27 -11.30
N ASP A 100 18.14 -2.89 -12.55
CA ASP A 100 19.06 -1.79 -12.90
C ASP A 100 18.43 -0.48 -13.31
N ALA A 101 17.16 -0.30 -12.92
CA ALA A 101 16.54 1.00 -13.12
C ALA A 101 17.41 2.11 -12.55
N PHE A 102 17.30 3.31 -13.13
CA PHE A 102 18.04 4.48 -12.62
C PHE A 102 17.27 5.18 -11.47
N SER A 103 17.41 4.55 -10.29
CA SER A 103 17.00 5.10 -9.02
C SER A 103 17.82 4.37 -7.97
N GLY A 104 17.79 4.84 -6.74
CA GLY A 104 18.61 4.31 -5.67
C GLY A 104 17.88 3.48 -4.65
N ASN A 105 16.56 3.26 -4.85
CA ASN A 105 15.71 2.51 -3.94
C ASN A 105 15.59 1.07 -4.39
N ILE A 106 14.72 0.29 -3.74
CA ILE A 106 14.56 -1.12 -4.09
C ILE A 106 13.87 -1.29 -5.44
N ARG A 107 14.57 -1.97 -6.34
CA ARG A 107 14.17 -2.12 -7.72
C ARG A 107 13.99 -3.55 -8.13
N GLY A 108 13.16 -3.76 -9.15
CA GLY A 108 13.08 -5.06 -9.79
C GLY A 108 12.36 -6.15 -9.06
N MET A 109 11.62 -5.82 -8.00
CA MET A 109 10.92 -6.84 -7.17
C MET A 109 9.59 -7.25 -7.73
N GLY A 110 9.04 -6.49 -8.67
CA GLY A 110 7.84 -6.86 -9.40
C GLY A 110 6.58 -6.09 -8.93
N PRO A 111 5.56 -6.19 -9.70
CA PRO A 111 4.26 -5.61 -9.30
C PRO A 111 3.69 -6.20 -8.01
N GLN A 112 2.73 -5.53 -7.43
CA GLN A 112 1.90 -6.13 -6.43
C GLN A 112 0.50 -6.34 -6.79
N VAL A 113 -0.12 -7.29 -6.10
CA VAL A 113 -1.43 -7.73 -6.43
CA VAL A 113 -1.49 -7.67 -6.44
C VAL A 113 -2.34 -7.78 -5.22
N ALA A 114 -3.56 -7.26 -5.33
CA ALA A 114 -4.63 -7.49 -4.38
C ALA A 114 -5.81 -8.00 -5.22
N GLU A 115 -6.33 -9.20 -4.94
CA GLU A 115 -7.40 -9.71 -5.76
C GLU A 115 -8.34 -10.54 -4.93
N MET A 116 -9.62 -10.58 -5.38
N MET A 116 -9.60 -10.61 -5.37
CA MET A 116 -10.69 -11.37 -4.72
CA MET A 116 -10.53 -11.55 -4.79
C MET A 116 -11.58 -11.92 -5.83
C MET A 116 -11.54 -11.98 -5.82
N GLU A 117 -12.03 -13.16 -5.65
N GLU A 117 -12.07 -13.17 -5.62
CA GLU A 117 -13.06 -13.78 -6.51
CA GLU A 117 -13.07 -13.79 -6.49
C GLU A 117 -14.28 -14.10 -5.65
C GLU A 117 -14.29 -14.09 -5.65
N PHE A 118 -15.47 -13.84 -6.19
CA PHE A 118 -16.67 -14.00 -5.42
C PHE A 118 -17.89 -13.98 -6.38
N GLU A 119 -18.99 -14.48 -5.82
CA GLU A 119 -20.29 -14.32 -6.51
C GLU A 119 -20.71 -12.85 -6.36
N GLU A 120 -20.97 -12.17 -7.47
CA GLU A 120 -21.37 -10.77 -7.47
C GLU A 120 -22.72 -10.66 -6.82
N ARG A 121 -22.84 -9.84 -5.79
CA ARG A 121 -24.06 -9.66 -5.01
C ARG A 121 -25.09 -8.85 -5.82
N PRO A 122 -26.34 -8.82 -5.28
CA PRO A 122 -27.35 -8.02 -5.97
C PRO A 122 -27.06 -6.56 -6.12
N SER A 123 -26.25 -6.05 -5.15
CA SER A 123 -25.46 -4.85 -5.36
C SER A 123 -24.07 -5.18 -4.79
N GLU A 124 -23.06 -4.75 -5.54
CA GLU A 124 -21.68 -5.11 -5.22
C GLU A 124 -20.79 -3.83 -5.13
N PRO A 125 -20.90 -3.11 -3.99
CA PRO A 125 -20.02 -1.92 -3.79
C PRO A 125 -18.67 -2.42 -3.28
N ILE A 126 -17.63 -1.84 -3.90
CA ILE A 126 -16.26 -2.16 -3.58
C ILE A 126 -15.49 -0.85 -3.48
N ILE A 127 -14.44 -0.88 -2.67
CA ILE A 127 -13.49 0.27 -2.59
C ILE A 127 -12.12 -0.22 -2.88
N ALA A 128 -11.42 0.47 -3.76
CA ALA A 128 -10.02 0.25 -4.09
C ALA A 128 -9.17 1.34 -3.45
N PHE A 129 -8.18 0.97 -2.68
CA PHE A 129 -7.25 1.87 -2.08
C PHE A 129 -5.87 1.74 -2.70
N ALA A 130 -5.12 2.82 -2.74
CA ALA A 130 -3.72 2.80 -3.12
C ALA A 130 -2.96 3.73 -2.20
N ALA A 131 -1.85 3.31 -1.69
CA ALA A 131 -0.98 4.20 -0.87
C ALA A 131 0.35 4.30 -1.50
N ASP A 132 1.03 5.42 -1.34
CA ASP A 132 2.41 5.59 -1.73
C ASP A 132 3.20 6.06 -0.54
N LYS A 133 4.46 5.71 -0.59
CA LYS A 133 5.48 6.03 0.42
C LYS A 133 5.17 5.36 1.70
N THR A 134 4.74 4.10 1.66
CA THR A 134 4.55 3.28 2.83
CA THR A 134 4.33 3.33 2.81
C THR A 134 4.56 1.82 2.57
N GLU A 135 4.62 1.07 3.63
CA GLU A 135 4.66 -0.44 3.59
C GLU A 135 3.31 -1.04 3.64
N PRO A 136 3.10 -2.40 3.26
CA PRO A 136 1.79 -2.99 3.33
C PRO A 136 1.19 -3.03 4.67
N GLY A 137 2.03 -3.02 5.75
CA GLY A 137 1.53 -2.97 7.10
C GLY A 137 0.86 -1.62 7.48
N ALA A 138 1.01 -0.62 6.62
CA ALA A 138 0.29 0.63 6.84
C ALA A 138 -1.21 0.44 6.94
N PHE A 139 -1.72 -0.60 6.25
CA PHE A 139 -3.10 -0.94 6.29
C PHE A 139 -3.51 -1.82 7.45
N ASN A 140 -2.57 -2.22 8.30
CA ASN A 140 -2.97 -3.06 9.42
C ASN A 140 -3.94 -2.39 10.38
N LEU A 141 -3.64 -1.13 10.74
CA LEU A 141 -4.51 -0.39 11.65
CA LEU A 141 -4.51 -0.42 11.66
C LEU A 141 -5.91 -0.16 11.05
N PRO A 142 -5.99 0.35 9.80
CA PRO A 142 -7.31 0.50 9.22
C PRO A 142 -8.08 -0.81 9.07
N LEU A 143 -7.39 -1.86 8.63
CA LEU A 143 -8.13 -3.14 8.46
C LEU A 143 -8.63 -3.70 9.79
N TYR A 144 -7.78 -3.63 10.84
CA TYR A 144 -8.22 -3.99 12.12
C TYR A 144 -9.44 -3.19 12.55
N LYS A 145 -9.36 -1.85 12.36
CA LYS A 145 -10.45 -1.01 12.82
C LYS A 145 -11.78 -1.36 12.13
N MET A 146 -11.73 -1.44 10.80
CA MET A 146 -12.97 -1.61 10.08
C MET A 146 -13.61 -2.96 10.30
N PHE A 147 -12.84 -3.99 10.60
CA PHE A 147 -13.39 -5.31 10.80
C PHE A 147 -13.52 -5.68 12.25
N ALA A 148 -12.89 -5.02 13.20
CA ALA A 148 -12.82 -5.48 14.56
C ALA A 148 -12.97 -4.45 15.65
N ASP A 149 -12.94 -3.16 15.32
CA ASP A 149 -13.01 -2.12 16.34
C ASP A 149 -14.40 -1.55 16.47
N PRO A 150 -15.10 -1.81 17.57
CA PRO A 150 -16.49 -1.30 17.68
C PRO A 150 -16.55 0.25 17.77
N PHE A 151 -15.46 0.91 17.99
CA PHE A 151 -15.43 2.36 17.92
C PHE A 151 -15.36 2.87 16.50
N THR A 152 -15.15 2.05 15.52
CA THR A 152 -15.10 2.36 14.10
C THR A 152 -16.36 1.86 13.40
N THR A 153 -16.57 0.56 13.50
CA THR A 153 -17.63 -0.15 12.78
C THR A 153 -18.77 -0.41 13.73
N ALA A 154 -19.74 0.49 13.76
CA ALA A 154 -20.90 0.38 14.57
C ALA A 154 -21.64 -0.91 14.34
N GLY A 155 -21.63 -1.39 13.13
CA GLY A 155 -22.35 -2.64 12.80
C GLY A 155 -21.93 -3.82 13.60
N LEU A 156 -20.71 -3.87 14.09
CA LEU A 156 -20.30 -4.98 14.93
C LEU A 156 -21.19 -5.11 16.15
N VAL A 157 -21.71 -4.00 16.68
CA VAL A 157 -22.54 -3.97 17.84
C VAL A 157 -23.99 -3.89 17.53
N ILE A 158 -24.41 -3.15 16.49
CA ILE A 158 -25.82 -2.85 16.25
C ILE A 158 -26.41 -3.53 15.06
N ASP A 159 -25.67 -4.24 14.23
CA ASP A 159 -26.16 -4.92 13.05
C ASP A 159 -26.05 -6.38 13.38
N PRO A 160 -27.22 -7.05 13.66
CA PRO A 160 -27.11 -8.47 14.05
C PRO A 160 -26.43 -9.34 13.02
N SER A 161 -26.45 -8.95 11.76
CA SER A 161 -25.75 -9.76 10.76
C SER A 161 -24.28 -9.77 10.84
N MET A 162 -23.67 -8.85 11.63
CA MET A 162 -22.22 -8.74 11.79
C MET A 162 -21.69 -9.25 13.14
N HIS A 163 -22.57 -9.77 13.95
CA HIS A 163 -22.27 -9.98 15.33
C HIS A 163 -21.15 -11.05 15.45
N GLU A 164 -21.07 -11.97 14.50
CA GLU A 164 -20.11 -13.05 14.60
C GLU A 164 -18.69 -12.72 14.22
N GLY A 165 -18.48 -11.55 13.66
CA GLY A 165 -17.13 -11.10 13.43
C GLY A 165 -16.47 -11.61 12.19
N PHE A 166 -15.14 -11.54 12.19
CA PHE A 166 -14.34 -11.70 11.02
C PHE A 166 -13.12 -12.62 11.24
N ILE A 167 -12.59 -13.14 10.15
CA ILE A 167 -11.41 -13.97 10.15
C ILE A 167 -10.32 -13.25 9.41
N PHE A 168 -9.21 -13.05 10.13
CA PHE A 168 -7.99 -12.36 9.59
C PHE A 168 -6.94 -13.38 9.17
N GLU A 169 -6.48 -13.32 7.94
CA GLU A 169 -5.33 -14.11 7.45
C GLU A 169 -4.14 -13.22 7.53
N VAL A 170 -3.24 -13.53 8.45
CA VAL A 170 -2.06 -12.70 8.74
C VAL A 170 -0.83 -13.44 8.23
N LEU A 171 -0.01 -12.78 7.41
CA LEU A 171 1.24 -13.28 6.89
C LEU A 171 2.41 -12.78 7.68
N ASP A 172 3.23 -13.69 8.23
CA ASP A 172 4.56 -13.39 8.74
C ASP A 172 5.48 -13.35 7.54
N VAL A 173 5.90 -12.18 7.10
CA VAL A 173 6.65 -11.99 5.91
C VAL A 173 8.16 -12.35 6.12
N VAL A 174 8.58 -12.57 7.36
CA VAL A 174 9.99 -12.95 7.63
C VAL A 174 10.09 -14.49 7.51
N GLU A 175 9.26 -15.21 8.25
CA GLU A 175 9.30 -16.68 8.27
C GLU A 175 8.38 -17.38 7.33
N HIS A 176 7.58 -16.63 6.59
CA HIS A 176 6.71 -17.19 5.60
C HIS A 176 5.70 -18.18 6.24
N LYS A 177 4.99 -17.70 7.26
CA LYS A 177 4.02 -18.45 8.02
C LYS A 177 2.69 -17.67 8.01
N VAL A 178 1.59 -18.36 7.99
CA VAL A 178 0.27 -17.78 7.95
C VAL A 178 -0.45 -18.11 9.27
N TYR A 179 -1.16 -17.13 9.85
CA TYR A 179 -1.95 -17.30 10.98
C TYR A 179 -3.39 -16.91 10.66
N LEU A 180 -4.38 -17.61 11.20
CA LEU A 180 -5.76 -17.31 11.07
C LEU A 180 -6.34 -16.97 12.41
N LEU A 181 -6.80 -15.74 12.57
CA LEU A 181 -7.31 -15.24 13.82
C LEU A 181 -8.72 -14.75 13.67
N LYS A 182 -9.56 -14.99 14.67
CA LYS A 182 -10.94 -14.66 14.61
C LYS A 182 -11.32 -13.62 15.63
N THR A 183 -11.96 -12.55 15.25
CA THR A 183 -12.42 -11.54 16.17
C THR A 183 -13.92 -11.69 16.38
N PRO A 184 -14.44 -11.47 17.59
CA PRO A 184 -13.75 -10.74 18.68
C PRO A 184 -12.80 -11.53 19.54
N GLU A 185 -12.94 -12.86 19.63
CA GLU A 185 -12.28 -13.56 20.69
C GLU A 185 -10.74 -13.54 20.65
N ASP A 186 -10.16 -13.46 19.46
CA ASP A 186 -8.71 -13.52 19.30
C ASP A 186 -8.13 -12.09 19.14
N ALA A 187 -8.89 -11.03 19.47
CA ALA A 187 -8.46 -9.66 19.22
C ALA A 187 -7.10 -9.40 19.84
N TYR A 188 -6.85 -9.80 21.05
CA TYR A 188 -5.61 -9.45 21.70
C TYR A 188 -4.42 -10.11 21.10
N SER A 189 -4.57 -11.39 20.78
CA SER A 189 -3.53 -12.12 20.05
C SER A 189 -3.29 -11.52 18.67
N LEU A 190 -4.36 -11.22 17.94
CA LEU A 190 -4.20 -10.59 16.64
C LEU A 190 -3.36 -9.31 16.74
N LEU A 191 -3.75 -8.43 17.68
CA LEU A 191 -3.03 -7.19 17.85
C LEU A 191 -1.55 -7.36 18.29
N GLY A 192 -1.29 -8.42 19.04
CA GLY A 192 0.07 -8.74 19.43
C GLY A 192 0.93 -9.03 18.25
N LEU A 193 0.35 -9.57 17.18
CA LEU A 193 1.06 -9.79 15.92
C LEU A 193 1.09 -8.53 15.06
N ILE A 194 -0.09 -8.02 14.67
CA ILE A 194 -0.19 -7.04 13.59
C ILE A 194 0.25 -5.62 14.06
N GLY A 195 0.43 -5.45 15.37
CA GLY A 195 1.10 -4.21 15.76
C GLY A 195 2.51 -4.08 15.29
N THR A 196 3.15 -5.23 14.98
CA THR A 196 4.51 -5.26 14.40
C THR A 196 4.30 -5.17 12.90
N THR A 197 4.13 -3.95 12.38
CA THR A 197 3.60 -3.71 11.06
C THR A 197 4.50 -4.15 9.93
N GLY A 198 5.79 -4.21 10.18
CA GLY A 198 6.78 -4.65 9.22
C GLY A 198 6.91 -6.17 9.06
N ARG A 199 6.31 -6.93 10.00
CA ARG A 199 6.48 -8.39 10.03
C ARG A 199 5.20 -9.13 9.83
N TYR A 200 4.12 -8.78 10.56
CA TYR A 200 2.87 -9.51 10.53
C TYR A 200 1.85 -8.62 9.86
N ILE A 201 1.45 -8.94 8.66
CA ILE A 201 0.62 -8.09 7.84
C ILE A 201 -0.69 -8.78 7.52
N ILE A 202 -1.83 -8.10 7.70
CA ILE A 202 -3.11 -8.64 7.26
C ILE A 202 -3.10 -8.75 5.77
N ARG A 203 -3.26 -9.99 5.24
CA ARG A 203 -3.31 -10.21 3.84
C ARG A 203 -4.76 -10.37 3.29
N LYS A 204 -5.58 -11.06 4.04
CA LYS A 204 -6.97 -11.23 3.63
CA LYS A 204 -6.99 -11.22 3.66
C LYS A 204 -7.87 -11.18 4.85
N VAL A 205 -9.14 -10.80 4.65
CA VAL A 205 -10.13 -10.87 5.69
C VAL A 205 -11.36 -11.58 5.10
N PHE A 206 -12.03 -12.42 5.89
CA PHE A 206 -13.23 -13.15 5.48
C PHE A 206 -14.29 -12.96 6.55
N ARG A 207 -15.54 -12.93 6.10
CA ARG A 207 -16.64 -12.89 7.01
C ARG A 207 -16.74 -14.26 7.75
N ARG A 208 -16.89 -14.24 9.08
CA ARG A 208 -17.00 -15.45 9.83
C ARG A 208 -18.33 -16.21 9.56
N ALA A 209 -19.40 -15.51 9.29
CA ALA A 209 -20.73 -16.16 9.18
C ALA A 209 -20.75 -17.15 8.06
N ASP A 210 -20.09 -16.84 6.95
CA ASP A 210 -20.16 -17.66 5.75
C ASP A 210 -18.85 -17.85 5.02
N GLY A 211 -17.74 -17.25 5.51
CA GLY A 211 -16.51 -17.32 4.83
C GLY A 211 -16.31 -16.39 3.63
N ALA A 212 -17.24 -15.47 3.38
CA ALA A 212 -17.18 -14.59 2.20
C ALA A 212 -15.89 -13.73 2.24
N PRO A 213 -15.22 -13.61 1.10
CA PRO A 213 -14.09 -12.70 1.06
C PRO A 213 -14.54 -11.26 1.30
N ALA A 214 -13.82 -10.58 2.19
CA ALA A 214 -14.19 -9.24 2.59
C ALA A 214 -13.10 -8.23 2.18
N ALA A 215 -11.83 -8.54 2.27
CA ALA A 215 -10.75 -7.64 1.88
C ALA A 215 -9.54 -8.44 1.44
N ALA A 216 -8.73 -7.83 0.59
CA ALA A 216 -7.46 -8.38 0.15
C ALA A 216 -6.45 -7.25 0.05
N ASN A 217 -5.34 -7.41 0.76
CA ASN A 217 -4.24 -6.45 0.81
C ASN A 217 -3.04 -7.02 0.05
N SER A 218 -2.27 -6.22 -0.60
CA SER A 218 -1.11 -6.66 -1.36
C SER A 218 0.07 -6.78 -0.43
N VAL A 219 0.45 -7.91 -0.07
CA VAL A 219 1.66 -8.16 0.73
C VAL A 219 2.26 -9.48 0.30
N GLU A 220 3.57 -9.52 0.24
CA GLU A 220 4.34 -10.70 -0.03
C GLU A 220 5.47 -10.88 0.94
N ARG A 221 5.99 -12.10 1.05
CA ARG A 221 7.12 -12.39 1.89
C ARG A 221 8.32 -11.55 1.52
N LEU A 222 9.18 -11.29 2.49
CA LEU A 222 10.42 -10.59 2.20
C LEU A 222 11.46 -11.56 1.60
N SER A 223 12.31 -10.89 0.85
CA SER A 223 13.56 -11.51 0.31
C SER A 223 14.79 -11.07 1.13
N LEU A 224 15.71 -12.00 1.46
CA LEU A 224 16.94 -11.67 2.20
C LEU A 224 18.02 -11.51 1.12
N ILE A 225 18.43 -10.25 0.88
CA ILE A 225 19.44 -9.87 -0.17
C ILE A 225 20.64 -9.05 0.41
N ALA A 226 21.89 -9.53 0.17
CA ALA A 226 23.10 -8.90 0.84
C ALA A 226 22.82 -8.54 2.35
N GLY A 227 22.30 -9.55 3.08
CA GLY A 227 22.07 -9.50 4.54
C GLY A 227 21.01 -8.55 5.06
N ARG A 228 20.20 -7.97 4.15
CA ARG A 228 19.09 -7.14 4.55
C ARG A 228 17.76 -7.79 4.03
N TYR A 229 16.70 -7.60 4.85
CA TYR A 229 15.37 -8.01 4.36
C TYR A 229 14.90 -6.96 3.36
N VAL A 230 14.39 -7.45 2.22
CA VAL A 230 13.90 -6.55 1.13
C VAL A 230 12.44 -6.94 0.86
N GLY A 231 11.59 -5.95 1.02
CA GLY A 231 10.14 -6.02 0.89
C GLY A 231 9.69 -5.27 -0.36
N LYS A 232 8.40 -5.30 -0.60
CA LYS A 232 7.67 -4.61 -1.71
C LYS A 232 6.67 -3.71 -1.03
N ASP A 233 6.85 -2.44 -1.27
CA ASP A 233 6.11 -1.39 -0.62
C ASP A 233 5.03 -0.81 -1.54
N ASP A 234 4.30 0.17 -1.00
CA ASP A 234 3.31 0.96 -1.67
C ASP A 234 2.10 0.07 -1.95
N PRO A 235 1.36 -0.27 -0.96
CA PRO A 235 0.34 -1.29 -1.11
C PRO A 235 -0.94 -0.82 -1.75
N VAL A 236 -1.68 -1.83 -2.22
CA VAL A 236 -3.05 -1.67 -2.73
C VAL A 236 -3.91 -2.62 -1.98
N LEU A 237 -5.20 -2.22 -1.88
CA LEU A 237 -6.17 -2.89 -1.06
C LEU A 237 -7.55 -2.85 -1.65
N LEU A 238 -8.25 -3.99 -1.66
CA LEU A 238 -9.65 -4.10 -2.09
CA LEU A 238 -9.58 -4.08 -2.11
C LEU A 238 -10.49 -4.44 -0.91
N VAL A 239 -11.61 -3.71 -0.74
CA VAL A 239 -12.57 -4.00 0.35
C VAL A 239 -13.98 -4.09 -0.28
N ARG A 240 -14.69 -5.14 0.02
CA ARG A 240 -16.13 -5.22 -0.29
C ARG A 240 -16.92 -4.65 0.85
N ALA A 241 -17.98 -3.90 0.55
CA ALA A 241 -18.74 -3.18 1.56
C ALA A 241 -20.20 -3.61 1.63
N GLN A 242 -20.87 -3.28 2.72
CA GLN A 242 -22.32 -3.31 2.96
C GLN A 242 -22.88 -4.73 3.18
N SER A 243 -24.10 -4.75 3.68
CA SER A 243 -24.89 -6.00 3.79
CA SER A 243 -24.93 -5.94 3.85
C SER A 243 -24.19 -7.05 4.58
N GLY A 244 -23.77 -6.71 5.80
CA GLY A 244 -23.03 -7.60 6.66
C GLY A 244 -21.54 -7.45 6.57
N LEU A 245 -21.06 -6.80 5.57
CA LEU A 245 -19.71 -6.31 5.50
C LEU A 245 -19.78 -4.83 5.97
N PRO A 246 -18.66 -4.26 6.46
CA PRO A 246 -18.72 -2.87 6.90
C PRO A 246 -19.29 -1.98 5.82
N ALA A 247 -20.05 -0.97 6.25
CA ALA A 247 -20.56 0.05 5.37
C ALA A 247 -19.43 0.75 4.68
N VAL A 248 -19.66 1.35 3.51
CA VAL A 248 -18.65 2.23 2.92
C VAL A 248 -18.15 3.23 3.99
N GLY A 249 -19.03 3.81 4.77
CA GLY A 249 -18.58 4.80 5.72
C GLY A 249 -17.82 4.25 6.90
N GLU A 250 -18.05 3.00 7.27
CA GLU A 250 -17.26 2.35 8.31
C GLU A 250 -15.86 2.05 7.78
N VAL A 251 -15.72 1.60 6.56
CA VAL A 251 -14.43 1.43 5.92
C VAL A 251 -13.69 2.77 5.94
N LEU A 252 -14.35 3.85 5.52
CA LEU A 252 -13.70 5.12 5.45
C LEU A 252 -13.36 5.67 6.86
N GLU A 253 -14.18 5.45 7.85
CA GLU A 253 -13.92 5.86 9.24
C GLU A 253 -12.60 5.26 9.68
N ALA A 254 -12.23 4.08 9.22
CA ALA A 254 -11.03 3.42 9.61
C ALA A 254 -9.77 4.20 9.14
N PHE A 255 -9.91 5.15 8.24
CA PHE A 255 -8.85 6.02 7.75
C PHE A 255 -8.95 7.43 8.28
N ALA A 256 -9.89 7.72 9.18
CA ALA A 256 -10.15 9.08 9.61
C ALA A 256 -9.18 9.57 10.67
N HIS A 257 -8.36 8.74 11.25
CA HIS A 257 -7.21 9.13 12.08
C HIS A 257 -5.98 8.89 11.23
N PRO A 258 -5.19 9.95 10.93
CA PRO A 258 -4.06 9.79 10.01
C PRO A 258 -2.85 9.25 10.78
N HIS A 259 -2.85 7.97 11.03
CA HIS A 259 -1.90 7.34 11.92
C HIS A 259 -0.52 7.35 11.31
N LEU A 260 0.49 7.22 12.17
CA LEU A 260 1.87 7.15 11.68
C LEU A 260 2.10 5.80 10.98
N VAL A 261 2.75 5.83 9.86
CA VAL A 261 3.12 4.65 9.09
C VAL A 261 4.57 4.74 8.74
N HIS A 262 5.14 3.58 8.43
CA HIS A 262 6.53 3.47 8.04
C HIS A 262 6.69 3.67 6.60
N GLY A 263 7.66 4.45 6.17
CA GLY A 263 7.97 4.74 4.79
C GLY A 263 8.48 6.11 4.59
N TRP A 264 7.72 6.95 3.93
CA TRP A 264 8.08 8.36 3.66
C TRP A 264 9.48 8.39 3.05
N MET A 265 10.28 9.41 3.29
CA MET A 265 11.57 9.58 2.62
C MET A 265 12.44 8.33 2.74
N ARG A 266 12.91 7.85 1.60
CA ARG A 266 13.92 6.80 1.56
C ARG A 266 13.44 5.51 2.24
N GLY A 267 12.10 5.31 2.34
CA GLY A 267 11.62 4.12 2.98
C GLY A 267 12.10 3.92 4.39
N SER A 268 12.47 5.05 5.05
CA SER A 268 13.25 4.98 6.29
C SER A 268 12.74 5.87 7.41
N HIS A 269 11.51 6.36 7.27
CA HIS A 269 10.90 7.25 8.27
C HIS A 269 9.50 6.87 8.63
N ALA A 270 8.94 7.49 9.64
CA ALA A 270 7.57 7.38 10.05
C ALA A 270 6.90 8.73 9.88
N GLY A 271 5.70 8.71 9.30
CA GLY A 271 4.91 9.92 9.15
C GLY A 271 3.44 9.60 9.01
N PRO A 272 2.57 10.60 9.10
CA PRO A 272 1.15 10.39 9.10
C PRO A 272 0.63 10.01 7.69
N LEU A 273 -0.33 9.06 7.72
CA LEU A 273 -0.96 8.63 6.48
C LEU A 273 -2.10 9.58 6.11
N MET A 274 -1.89 10.40 5.14
CA MET A 274 -2.88 11.41 4.77
C MET A 274 -3.92 10.82 3.78
N PRO A 275 -5.22 10.87 4.11
CA PRO A 275 -6.25 10.44 3.15
C PRO A 275 -6.44 11.53 2.14
N ALA A 276 -6.04 11.35 0.90
CA ALA A 276 -5.89 12.40 -0.06
C ALA A 276 -6.96 12.35 -1.16
N ARG A 277 -7.37 13.49 -1.67
CA ARG A 277 -8.17 13.57 -2.87
C ARG A 277 -7.37 13.20 -4.09
N PHE A 278 -8.09 12.67 -5.11
CA PHE A 278 -7.56 12.64 -6.45
C PHE A 278 -7.56 14.03 -7.07
N ILE A 279 -6.55 14.33 -7.87
CA ILE A 279 -6.52 15.56 -8.66
C ILE A 279 -7.65 15.56 -9.67
N SER A 280 -7.89 14.44 -10.32
CA SER A 280 -8.96 14.31 -11.28
C SER A 280 -9.43 12.88 -11.40
N VAL A 281 -10.73 12.72 -11.68
CA VAL A 281 -11.34 11.41 -11.89
C VAL A 281 -12.12 11.51 -13.19
N ASP A 282 -11.82 10.66 -14.18
CA ASP A 282 -12.54 10.71 -15.46
C ASP A 282 -13.14 9.29 -15.70
N PRO A 283 -14.38 9.05 -15.31
CA PRO A 283 -14.99 7.73 -15.46
C PRO A 283 -15.09 7.27 -16.89
N GLU A 284 -15.28 8.16 -17.82
CA GLU A 284 -15.44 7.74 -19.22
C GLU A 284 -14.10 7.28 -19.81
N ARG A 285 -13.02 8.02 -19.51
CA ARG A 285 -11.72 7.67 -20.01
C ARG A 285 -11.04 6.54 -19.16
N ARG A 286 -11.63 6.25 -18.02
CA ARG A 286 -11.22 5.21 -17.11
C ARG A 286 -9.88 5.50 -16.40
N ILE A 287 -9.65 6.79 -16.12
CA ILE A 287 -8.38 7.25 -15.56
C ILE A 287 -8.65 8.20 -14.42
N ALA A 288 -7.94 8.04 -13.30
CA ALA A 288 -7.87 9.03 -12.21
C ALA A 288 -6.41 9.38 -11.98
N ILE A 289 -6.12 10.70 -11.77
CA ILE A 289 -4.80 11.18 -11.45
C ILE A 289 -4.82 11.48 -9.95
N GLY A 290 -3.97 10.76 -9.23
CA GLY A 290 -3.88 10.91 -7.82
C GLY A 290 -2.90 11.99 -7.36
N PRO A 291 -2.72 12.06 -6.02
CA PRO A 291 -1.90 13.16 -5.44
C PRO A 291 -0.43 13.00 -5.69
N LYS A 292 0.28 14.14 -5.62
CA LYS A 292 1.72 14.20 -5.62
C LYS A 292 2.29 14.00 -4.25
N MET A 293 3.54 13.54 -4.20
CA MET A 293 4.37 13.47 -3.00
CA MET A 293 4.32 13.48 -2.99
C MET A 293 5.31 14.62 -3.03
N THR A 294 5.34 15.47 -2.04
CA THR A 294 6.09 16.70 -2.08
C THR A 294 7.06 16.76 -0.90
N ARG A 295 6.74 17.43 0.21
CA ARG A 295 7.69 17.62 1.29
C ARG A 295 8.21 16.30 1.78
N PHE A 296 9.54 16.15 1.77
CA PHE A 296 10.19 14.97 2.26
C PHE A 296 9.68 13.72 1.52
N ASP A 297 9.32 13.88 0.23
CA ASP A 297 8.79 12.76 -0.58
C ASP A 297 7.51 12.22 0.05
N GLY A 298 6.64 13.08 0.56
CA GLY A 298 5.35 12.66 1.07
C GLY A 298 4.56 13.87 1.50
N PRO A 299 3.98 13.85 2.71
CA PRO A 299 3.83 12.70 3.60
C PRO A 299 3.16 11.50 2.86
N PRO A 300 3.25 10.33 3.47
CA PRO A 300 2.52 9.17 2.89
C PRO A 300 1.07 9.49 2.66
N LYS A 301 0.52 9.00 1.54
CA LYS A 301 -0.86 9.30 1.18
CA LYS A 301 -0.88 9.25 1.26
C LYS A 301 -1.59 8.00 0.77
N VAL A 302 -2.88 7.99 1.00
CA VAL A 302 -3.79 6.93 0.53
C VAL A 302 -4.92 7.59 -0.22
N GLY A 303 -5.30 7.02 -1.36
CA GLY A 303 -6.48 7.40 -2.10
C GLY A 303 -7.50 6.28 -2.08
N ALA A 304 -8.77 6.64 -2.20
CA ALA A 304 -9.90 5.68 -2.10
C ALA A 304 -10.85 5.94 -3.29
N LEU A 305 -11.06 4.91 -4.11
CA LEU A 305 -12.05 4.97 -5.19
C LEU A 305 -13.12 3.92 -4.99
N GLY A 306 -14.35 4.36 -4.96
CA GLY A 306 -15.47 3.46 -4.86
C GLY A 306 -16.07 3.10 -6.22
N PHE A 307 -16.59 1.87 -6.29
CA PHE A 307 -17.21 1.39 -7.52
C PHE A 307 -18.43 0.58 -7.14
N GLN A 308 -19.32 0.43 -8.17
CA GLN A 308 -20.41 -0.57 -8.13
C GLN A 308 -20.19 -1.50 -9.32
N LEU A 309 -20.14 -2.80 -9.04
CA LEU A 309 -19.96 -3.83 -10.09
CA LEU A 309 -19.98 -3.81 -10.11
C LEU A 309 -21.30 -4.29 -10.67
N HIS A 310 -21.33 -4.48 -11.98
CA HIS A 310 -22.53 -5.09 -12.59
C HIS A 310 -22.11 -5.98 -13.75
N GLU A 311 -22.31 -7.26 -13.53
CA GLU A 311 -21.79 -8.28 -14.48
C GLU A 311 -20.30 -8.07 -14.75
N GLY A 312 -19.62 -7.66 -13.69
CA GLY A 312 -18.19 -7.33 -13.77
C GLY A 312 -17.81 -5.97 -14.31
N TYR A 313 -18.74 -5.22 -14.86
CA TYR A 313 -18.43 -3.88 -15.31
C TYR A 313 -18.30 -3.01 -14.07
N LEU A 314 -17.41 -2.02 -14.18
CA LEU A 314 -17.10 -1.13 -13.09
C LEU A 314 -17.71 0.25 -13.31
N GLU A 315 -18.75 0.61 -12.58
CA GLU A 315 -19.24 1.95 -12.58
C GLU A 315 -18.48 2.68 -11.47
N GLY A 316 -17.85 3.78 -11.81
CA GLY A 316 -16.92 4.50 -10.93
C GLY A 316 -15.74 5.00 -11.74
N GLY A 317 -14.66 5.39 -11.09
CA GLY A 317 -14.57 5.43 -9.64
C GLY A 317 -15.05 6.75 -9.03
N VAL A 318 -15.36 6.69 -7.75
CA VAL A 318 -15.84 7.81 -6.95
C VAL A 318 -14.78 8.07 -5.83
N ASP A 319 -14.26 9.31 -5.80
CA ASP A 319 -13.26 9.71 -4.77
C ASP A 319 -13.93 9.80 -3.43
N LEU A 320 -13.64 8.91 -2.50
CA LEU A 320 -14.30 8.83 -1.26
C LEU A 320 -13.67 9.61 -0.09
N PHE A 321 -12.57 10.31 -0.36
CA PHE A 321 -11.98 11.19 0.64
C PHE A 321 -12.30 12.64 0.37
N ASP A 322 -13.26 12.86 -0.56
CA ASP A 322 -13.65 14.18 -1.01
C ASP A 322 -14.84 14.70 -0.20
N ASP A 323 -14.58 15.33 0.94
CA ASP A 323 -15.63 15.80 1.89
C ASP A 323 -14.84 16.79 2.82
N PRO A 324 -15.42 17.93 3.24
CA PRO A 324 -14.84 18.73 4.26
C PRO A 324 -14.51 18.03 5.53
N ALA A 325 -15.23 16.95 5.88
CA ALA A 325 -14.87 16.16 7.04
C ALA A 325 -13.50 15.63 6.93
N PHE A 326 -13.02 15.22 5.76
CA PHE A 326 -11.70 14.74 5.55
C PHE A 326 -10.72 15.90 5.38
N ASP A 327 -11.11 17.11 5.11
CA ASP A 327 -10.18 18.24 5.15
C ASP A 327 -9.60 18.36 6.50
N TYR A 328 -10.35 18.17 7.56
CA TYR A 328 -9.83 18.23 8.92
CA TYR A 328 -9.86 18.23 8.92
C TYR A 328 -8.75 17.18 9.12
N VAL A 329 -8.98 15.96 8.61
CA VAL A 329 -8.03 14.89 8.73
C VAL A 329 -6.74 15.26 7.99
N ARG A 330 -6.84 15.79 6.81
CA ARG A 330 -5.67 16.22 6.08
C ARG A 330 -4.92 17.31 6.82
N GLN A 331 -5.62 18.26 7.38
CA GLN A 331 -4.95 19.34 8.15
C GLN A 331 -4.24 18.75 9.34
N THR A 332 -4.78 17.81 10.06
CA THR A 332 -4.13 17.15 11.13
C THR A 332 -2.88 16.49 10.59
N ALA A 333 -2.95 15.75 9.51
CA ALA A 333 -1.78 15.09 8.96
C ALA A 333 -0.71 16.11 8.61
N ALA A 334 -1.07 17.25 8.04
CA ALA A 334 -0.09 18.25 7.66
C ALA A 334 0.62 18.79 8.89
N GLN A 335 -0.08 19.01 9.98
CA GLN A 335 0.51 19.51 11.20
C GLN A 335 1.38 18.50 11.84
N ILE A 336 0.95 17.23 11.92
CA ILE A 336 1.78 16.18 12.45
C ILE A 336 3.03 15.98 11.62
N ALA A 337 2.92 16.07 10.31
CA ALA A 337 4.10 15.96 9.46
C ALA A 337 5.10 17.04 9.84
N ASP A 338 4.68 18.28 10.07
CA ASP A 338 5.61 19.34 10.42
C ASP A 338 6.23 19.07 11.78
N TYR A 339 5.44 18.67 12.76
CA TYR A 339 5.96 18.35 14.10
C TYR A 339 7.04 17.28 14.02
N ILE A 340 6.75 16.16 13.37
CA ILE A 340 7.64 15.01 13.48
C ILE A 340 8.91 15.27 12.71
N ARG A 341 8.84 16.04 11.62
CA ARG A 341 10.01 16.34 10.84
C ARG A 341 11.08 17.09 11.60
N ARG A 342 10.71 17.80 12.65
CA ARG A 342 11.71 18.50 13.43
C ARG A 342 12.61 17.55 14.17
N MET A 343 12.30 16.26 14.22
CA MET A 343 13.18 15.26 14.78
C MET A 343 14.36 14.89 13.90
N GLY A 344 14.28 15.16 12.63
CA GLY A 344 15.41 14.82 11.76
C GLY A 344 15.76 13.41 11.78
N PRO A 345 17.01 13.04 11.95
CA PRO A 345 17.50 11.70 11.83
C PRO A 345 17.36 10.71 12.95
N PHE A 346 16.50 11.03 13.91
CA PHE A 346 16.35 10.23 15.14
C PHE A 346 15.17 9.32 15.18
N GLN A 347 15.29 8.09 15.66
CA GLN A 347 14.15 7.26 15.96
C GLN A 347 13.33 8.00 17.01
N PRO A 348 11.98 7.86 16.99
CA PRO A 348 11.20 6.98 16.10
C PRO A 348 10.75 7.65 14.82
N HIS A 349 11.17 8.90 14.51
CA HIS A 349 10.91 9.43 13.17
C HIS A 349 11.70 8.69 12.12
N ARG A 350 12.98 8.49 12.35
CA ARG A 350 13.73 7.54 11.53
C ARG A 350 13.35 6.14 12.03
N LEU A 351 13.32 5.15 11.11
CA LEU A 351 12.91 3.82 11.48
C LEU A 351 14.00 3.02 12.21
N PRO A 352 13.58 1.93 12.84
CA PRO A 352 14.57 1.06 13.47
C PRO A 352 15.54 0.56 12.43
N PRO A 353 16.76 0.26 12.82
CA PRO A 353 17.80 0.05 11.86
C PRO A 353 17.56 -1.07 10.84
N GLU A 354 16.90 -2.13 11.28
CA GLU A 354 16.60 -3.27 10.44
C GLU A 354 15.47 -3.00 9.48
N GLU A 355 14.68 -1.95 9.72
CA GLU A 355 13.52 -1.50 8.93
C GLU A 355 13.82 -0.44 7.93
N MET A 356 15.03 0.13 7.95
CA MET A 356 15.46 1.19 7.02
CA MET A 356 15.46 1.22 7.03
C MET A 356 15.78 0.66 5.64
N GLU A 357 15.21 1.25 4.60
CA GLU A 357 15.54 0.87 3.26
C GLU A 357 16.90 1.38 2.84
N TYR A 358 17.32 2.53 3.35
CA TYR A 358 18.65 3.09 3.08
C TYR A 358 19.39 3.08 4.41
N THR A 359 20.67 2.75 4.39
CA THR A 359 21.56 2.92 5.54
C THR A 359 22.99 3.12 5.10
N ALA A 360 23.73 3.91 5.89
CA ALA A 360 25.12 4.11 5.71
C ALA A 360 25.87 3.45 6.91
N LEU A 361 25.24 2.64 7.71
CA LEU A 361 25.87 2.14 8.92
C LEU A 361 27.09 1.33 8.53
N PRO A 362 27.09 0.41 7.51
CA PRO A 362 28.34 -0.24 7.22
C PRO A 362 29.49 0.67 6.87
N LYS A 363 29.26 1.69 6.06
CA LYS A 363 30.27 2.73 5.75
C LYS A 363 30.82 3.41 7.03
N ILE A 364 29.96 3.74 7.90
CA ILE A 364 30.30 4.34 9.19
C ILE A 364 31.18 3.40 10.03
N LEU A 365 30.73 2.19 10.29
CA LEU A 365 31.47 1.22 11.06
C LEU A 365 32.77 0.84 10.39
N ALA A 366 32.92 1.04 9.08
CA ALA A 366 34.22 0.78 8.50
C ALA A 366 35.21 1.87 8.76
N LYS A 367 34.77 3.06 9.12
CA LYS A 367 35.68 4.12 9.35
C LYS A 367 35.88 4.54 10.80
N VAL A 368 34.89 4.43 11.64
CA VAL A 368 34.99 4.94 12.98
C VAL A 368 35.59 3.87 13.88
N LYS A 369 36.66 4.29 14.60
CA LYS A 369 37.39 3.37 15.42
C LYS A 369 36.62 2.99 16.66
N PRO A 370 36.42 1.69 16.92
CA PRO A 370 35.79 1.28 18.18
C PRO A 370 36.79 1.05 19.25
N TYR A 371 36.37 1.20 20.47
CA TYR A 371 37.18 0.83 21.61
C TYR A 371 36.35 -0.09 22.47
N PRO A 372 36.85 -1.32 22.74
CA PRO A 372 36.20 -2.14 23.77
C PRO A 372 35.97 -1.33 25.01
N ALA A 373 34.75 -1.39 25.56
CA ALA A 373 34.37 -0.50 26.64
C ALA A 373 35.17 -0.61 27.92
N ASP A 374 35.59 -1.79 28.27
CA ASP A 374 36.31 -1.95 29.54
C ASP A 374 37.74 -1.36 29.47
N GLN A 375 38.38 -1.54 28.36
CA GLN A 375 39.66 -0.95 28.18
C GLN A 375 39.60 0.51 27.94
N TYR A 376 38.54 0.97 27.24
CA TYR A 376 38.33 2.41 27.08
C TYR A 376 38.31 3.15 28.43
N GLU A 377 37.64 2.64 29.46
CA GLU A 377 37.66 3.35 30.73
C GLU A 377 39.05 3.71 31.23
N LYS A 378 40.00 2.79 31.09
CA LYS A 378 41.39 3.12 31.53
C LYS A 378 42.08 4.15 30.66
N ASP A 379 41.75 4.21 29.38
CA ASP A 379 42.50 4.97 28.40
C ASP A 379 41.82 6.31 28.04
N ARG A 380 40.61 6.55 28.59
CA ARG A 380 39.77 7.71 28.14
C ARG A 380 40.49 9.02 28.16
N LYS A 381 41.17 9.31 29.26
CA LYS A 381 41.95 10.53 29.28
C LYS A 381 43.00 10.60 28.21
N LYS A 382 43.73 9.51 28.01
CA LYS A 382 44.63 9.47 26.89
C LYS A 382 44.01 9.66 25.52
N TYR A 383 42.85 9.02 25.31
CA TYR A 383 42.22 9.19 24.04
C TYR A 383 41.67 10.58 23.80
N ILE A 384 41.08 11.18 24.84
CA ILE A 384 40.65 12.58 24.72
C ILE A 384 41.79 13.53 24.49
N GLU A 385 42.93 13.38 25.20
CA GLU A 385 44.09 14.22 24.90
C GLU A 385 44.55 14.04 23.49
N ALA A 386 44.48 12.81 22.97
CA ALA A 386 44.93 12.55 21.59
C ALA A 386 44.00 13.22 20.61
N VAL A 387 42.66 13.23 20.86
CA VAL A 387 41.83 14.03 19.94
C VAL A 387 42.12 15.52 20.04
N VAL A 388 42.26 16.01 21.29
CA VAL A 388 42.50 17.41 21.52
C VAL A 388 43.76 17.94 20.83
N LYS A 389 44.87 17.24 21.08
CA LYS A 389 46.18 17.53 20.41
C LYS A 389 46.09 17.26 18.93
N GLY A 390 45.70 16.03 18.60
CA GLY A 390 45.35 15.74 17.22
C GLY A 390 44.82 17.05 16.67
#